data_5NUU
#
_entry.id   5NUU
#
_cell.length_a   111.870
_cell.length_b   111.870
_cell.length_c   137.591
_cell.angle_alpha   90.00
_cell.angle_beta   90.00
_cell.angle_gamma   120.00
#
_symmetry.space_group_name_H-M   'P 31 2 1'
#
loop_
_entity.id
_entity.type
_entity.pdbx_description
1 polymer Acetylcholinesterase
2 branched alpha-L-fucopyranose-(1-6)-2-acetamido-2-deoxy-beta-D-glucopyranose
3 branched alpha-D-mannopyranose-(1-3)-beta-D-mannopyranose-(1-4)-2-acetamido-2-deoxy-beta-D-glucopyranose-(1-4)-2-acetamido-2-deoxy-beta-D-glucopyranose
4 non-polymer (2~{S})-2-azanyl-~{N}-[6-[(6-chloranyl-1,2,3,4-tetrahydroacridin-9-yl)amino]hexyl]-3-(1~{H}-indol-3-yl)propanamide
5 water water
#
_entity_poly.entity_id   1
_entity_poly.type   'polypeptide(L)'
_entity_poly.pdbx_seq_one_letter_code
;DDHSELLVNTKSGKVMGTRVPVLSSHISAFLGIPFAEPPVGNMRFRRPEPKKPWSGVWNASTYPNNCQQYVDEQFPGFSG
SEMWNPNREMSEDCLYLNIWVPSPRPKSTTVMVWIYGGGFYSGSSTLDVYNGKYLAYTEEVVLVSLSYRVGAFGFLALHG
SQEAPGNVGLLDQRMALQWVHDNIQFFGGDPKTVTIFGESAGGASVGMHILSPGSRDLFRRAILQSGSPNCPWASVSVAE
GRRRAVELGRNLNCNLNSDEELIHCLREKKPQELIDVEWNVLPFDSIFRFSFVPVIDGEFFPTSLESMLNSGNFKKTQIL
LGVNKDEGSFFLLYGAPGFSKDSESKISREDFMSGVKLSVPHANDLGLDAVTLQYTDWMDDNNGIKNRDGLDDIVGDHNV
ICPLMHFVNKYTKFGNGTYLYFFNHRASNLVWPEWMGVIHGYEIEFVFGLPLVKELNYTAEEEALSRRIMHYWATFAKTG
NPNEPHSQESKWPLFTTKEQKFIDLNTEPMKVHQRLRVQMCVFWNQFLPKLLNATACDGELSS
;
_entity_poly.pdbx_strand_id   A
#
loop_
_chem_comp.id
_chem_comp.type
_chem_comp.name
_chem_comp.formula
9A5 non-polymer (2~{S})-2-azanyl-~{N}-[6-[(6-chloranyl-1,2,3,4-tetrahydroacridin-9-yl)amino]hexyl]-3-(1~{H}-indol-3-yl)propanamide 'C30 H36 Cl N5 O'
BMA D-saccharide, beta linking beta-D-mannopyranose 'C6 H12 O6'
FUC L-saccharide, alpha linking alpha-L-fucopyranose 'C6 H12 O5'
MAN D-saccharide, alpha linking alpha-D-mannopyranose 'C6 H12 O6'
NAG D-saccharide, beta linking 2-acetamido-2-deoxy-beta-D-glucopyranose 'C8 H15 N O6'
#
# COMPACT_ATOMS: atom_id res chain seq x y z
N SER A 4 -17.05 -24.25 -20.90
CA SER A 4 -15.98 -23.29 -21.35
C SER A 4 -15.04 -22.99 -20.17
N GLU A 5 -13.77 -22.78 -20.49
CA GLU A 5 -12.78 -22.32 -19.51
C GLU A 5 -13.13 -20.96 -18.88
N LEU A 6 -13.89 -20.16 -19.59
CA LEU A 6 -14.15 -18.82 -19.18
C LEU A 6 -15.49 -18.68 -18.47
N LEU A 7 -16.28 -19.75 -18.36
CA LEU A 7 -17.52 -19.70 -17.55
C LEU A 7 -17.23 -20.34 -16.22
N VAL A 8 -17.66 -19.69 -15.14
CA VAL A 8 -17.35 -20.17 -13.79
C VAL A 8 -18.52 -19.94 -12.89
N ASN A 9 -18.84 -20.96 -12.12
CA ASN A 9 -19.94 -20.87 -11.23
C ASN A 9 -19.34 -20.60 -9.84
N THR A 10 -19.87 -19.59 -9.18
CA THR A 10 -19.44 -19.22 -7.85
C THR A 10 -20.67 -19.14 -6.99
N LYS A 11 -20.43 -19.12 -5.70
CA LYS A 11 -21.55 -18.98 -4.79
C LYS A 11 -22.38 -17.72 -4.96
N SER A 12 -21.95 -16.76 -5.78
CA SER A 12 -22.71 -15.50 -6.01
C SER A 12 -23.44 -15.52 -7.34
N GLY A 13 -22.95 -16.40 -8.22
CA GLY A 13 -23.50 -16.53 -9.56
C GLY A 13 -22.46 -17.04 -10.53
N LYS A 14 -22.90 -17.22 -11.77
CA LYS A 14 -22.04 -17.63 -12.88
C LYS A 14 -21.31 -16.38 -13.37
N VAL A 15 -20.03 -16.51 -13.71
CA VAL A 15 -19.34 -15.37 -14.32
C VAL A 15 -18.68 -15.82 -15.57
N MET A 16 -18.60 -14.87 -16.52
CA MET A 16 -17.95 -15.08 -17.80
C MET A 16 -16.74 -14.15 -17.96
N GLY A 17 -15.61 -14.78 -18.14
CA GLY A 17 -14.39 -14.04 -18.30
C GLY A 17 -14.07 -13.78 -19.73
N THR A 18 -12.78 -13.73 -20.02
CA THR A 18 -12.30 -13.26 -21.29
C THR A 18 -10.90 -13.74 -21.42
N ARG A 19 -10.51 -14.09 -22.64
CA ARG A 19 -9.21 -14.70 -22.91
C ARG A 19 -8.30 -13.53 -23.26
N VAL A 20 -7.17 -13.39 -22.57
CA VAL A 20 -6.27 -12.29 -22.81
C VAL A 20 -4.88 -12.77 -23.19
N PRO A 21 -4.27 -12.07 -24.16
CA PRO A 21 -2.95 -12.44 -24.61
C PRO A 21 -1.88 -12.02 -23.60
N VAL A 22 -0.79 -12.78 -23.51
CA VAL A 22 0.30 -12.41 -22.63
C VAL A 22 1.53 -13.12 -23.14
N LEU A 23 2.51 -12.35 -23.65
CA LEU A 23 3.81 -12.91 -24.07
C LEU A 23 3.75 -14.17 -24.97
N SER A 24 3.11 -14.06 -26.13
CA SER A 24 3.05 -15.22 -27.09
C SER A 24 2.17 -16.40 -26.61
N SER A 25 1.29 -16.13 -25.67
CA SER A 25 0.39 -17.11 -25.14
C SER A 25 -0.87 -16.36 -24.72
N HIS A 26 -1.70 -16.98 -23.89
CA HIS A 26 -3.03 -16.44 -23.57
C HIS A 26 -3.38 -16.95 -22.17
N ILE A 27 -4.28 -16.25 -21.48
CA ILE A 27 -4.82 -16.73 -20.21
C ILE A 27 -6.20 -16.14 -20.02
N SER A 28 -6.84 -16.47 -18.90
CA SER A 28 -8.20 -16.08 -18.65
C SER A 28 -8.20 -14.96 -17.62
N ALA A 29 -9.18 -14.08 -17.71
CA ALA A 29 -9.29 -12.99 -16.77
C ALA A 29 -10.73 -12.75 -16.49
N PHE A 30 -11.03 -12.53 -15.22
CA PHE A 30 -12.36 -12.22 -14.83
C PHE A 30 -12.25 -10.88 -14.14
N LEU A 31 -12.81 -9.86 -14.81
CA LEU A 31 -12.64 -8.47 -14.41
C LEU A 31 -13.96 -7.87 -13.95
N GLY A 32 -13.90 -7.16 -12.85
CA GLY A 32 -15.04 -6.49 -12.30
C GLY A 32 -16.09 -7.43 -11.73
N ILE A 33 -15.68 -8.42 -10.96
CA ILE A 33 -16.64 -9.27 -10.31
C ILE A 33 -16.99 -8.57 -9.02
N PRO A 34 -18.26 -8.31 -8.77
CA PRO A 34 -18.70 -7.64 -7.53
C PRO A 34 -18.60 -8.49 -6.29
N PHE A 35 -18.06 -7.93 -5.20
CA PHE A 35 -17.98 -8.62 -3.93
C PHE A 35 -18.80 -7.96 -2.84
N ALA A 36 -19.54 -6.91 -3.18
CA ALA A 36 -20.34 -6.21 -2.18
C ALA A 36 -21.37 -5.36 -2.85
N GLU A 37 -22.38 -5.00 -2.07
CA GLU A 37 -23.41 -4.12 -2.60
C GLU A 37 -22.77 -2.77 -2.87
N PRO A 38 -23.20 -2.09 -3.94
CA PRO A 38 -22.70 -0.71 -4.06
C PRO A 38 -22.89 0.09 -2.78
N PRO A 39 -21.88 0.88 -2.39
CA PRO A 39 -22.03 1.63 -1.16
C PRO A 39 -22.58 3.04 -1.38
N VAL A 40 -23.68 3.12 -2.12
CA VAL A 40 -24.29 4.39 -2.52
C VAL A 40 -25.42 4.83 -1.59
N GLY A 41 -25.79 6.10 -1.69
CA GLY A 41 -26.92 6.67 -0.97
C GLY A 41 -26.80 6.66 0.54
N ASN A 42 -27.88 6.23 1.21
CA ASN A 42 -27.90 5.98 2.66
C ASN A 42 -26.82 4.98 3.13
N MET A 43 -26.05 4.41 2.19
CA MET A 43 -24.98 3.49 2.54
C MET A 43 -23.55 4.03 2.36
N ARG A 44 -23.43 5.24 1.81
CA ARG A 44 -22.17 5.99 1.89
C ARG A 44 -21.75 6.02 3.35
N PHE A 45 -20.47 5.77 3.58
CA PHE A 45 -19.90 5.63 4.92
C PHE A 45 -20.19 4.36 5.70
N ARG A 46 -21.08 3.49 5.22
CA ARG A 46 -21.46 2.30 5.99
C ARG A 46 -20.51 1.11 5.82
N ARG A 47 -20.61 0.19 6.76
CA ARG A 47 -20.00 -1.09 6.60
C ARG A 47 -20.47 -1.63 5.27
N PRO A 48 -19.61 -2.35 4.57
CA PRO A 48 -20.10 -2.98 3.39
C PRO A 48 -20.98 -4.21 3.72
N GLU A 49 -21.98 -4.42 2.87
CA GLU A 49 -22.85 -5.60 2.87
C GLU A 49 -22.42 -6.53 1.71
N PRO A 50 -22.54 -7.86 1.91
CA PRO A 50 -22.18 -8.83 0.84
C PRO A 50 -23.05 -8.69 -0.39
N LYS A 51 -22.52 -8.93 -1.56
CA LYS A 51 -23.26 -8.66 -2.82
C LYS A 51 -24.40 -9.67 -2.93
N LYS A 52 -25.63 -9.23 -3.24
CA LYS A 52 -26.77 -10.15 -3.36
C LYS A 52 -26.58 -11.00 -4.63
N PRO A 53 -26.65 -12.31 -4.51
CA PRO A 53 -26.27 -13.13 -5.64
C PRO A 53 -27.21 -12.89 -6.80
N TRP A 54 -26.70 -13.13 -8.00
CA TRP A 54 -27.44 -12.88 -9.24
C TRP A 54 -27.69 -14.25 -9.93
N SER A 55 -28.82 -14.34 -10.63
CA SER A 55 -29.00 -15.39 -11.62
C SER A 55 -28.53 -14.77 -12.92
N GLY A 56 -28.21 -15.60 -13.88
CA GLY A 56 -27.68 -15.07 -15.12
C GLY A 56 -26.18 -15.08 -15.07
N VAL A 57 -25.59 -14.47 -16.10
CA VAL A 57 -24.15 -14.53 -16.31
C VAL A 57 -23.60 -13.12 -16.18
N TRP A 58 -22.71 -12.93 -15.22
CA TRP A 58 -22.10 -11.65 -14.97
C TRP A 58 -21.00 -11.53 -16.03
N ASN A 59 -21.10 -10.47 -16.86
CA ASN A 59 -20.08 -10.13 -17.91
C ASN A 59 -18.88 -9.51 -17.17
N ALA A 60 -17.82 -10.31 -17.04
CA ALA A 60 -16.56 -9.91 -16.45
C ALA A 60 -15.47 -9.92 -17.49
N SER A 61 -15.73 -9.28 -18.62
CA SER A 61 -14.72 -9.19 -19.70
C SER A 61 -14.01 -7.83 -19.67
N THR A 62 -14.55 -6.86 -18.89
CA THR A 62 -13.94 -5.53 -18.74
C THR A 62 -13.90 -4.97 -17.32
N TYR A 63 -12.81 -4.24 -17.07
CA TYR A 63 -12.49 -3.58 -15.79
C TYR A 63 -13.60 -2.71 -15.25
N PRO A 64 -13.74 -2.71 -13.96
CA PRO A 64 -14.79 -1.96 -13.34
C PRO A 64 -14.34 -0.54 -13.20
N ASN A 65 -15.21 0.26 -12.61
CA ASN A 65 -14.91 1.58 -12.19
C ASN A 65 -13.90 1.60 -11.06
N ASN A 66 -13.14 2.69 -11.03
CA ASN A 66 -12.31 3.00 -9.91
C ASN A 66 -13.13 3.81 -8.96
N CYS A 67 -12.73 3.82 -7.69
CA CYS A 67 -13.46 4.51 -6.64
C CYS A 67 -13.24 6.00 -6.73
N GLN A 68 -14.17 6.78 -6.21
CA GLN A 68 -14.05 8.23 -6.20
C GLN A 68 -12.82 8.66 -5.44
N GLN A 69 -11.93 9.39 -6.13
CA GLN A 69 -10.70 9.86 -5.51
C GLN A 69 -10.15 11.20 -6.08
N TYR A 70 -9.24 11.78 -5.30
CA TYR A 70 -8.50 12.93 -5.73
C TYR A 70 -7.62 12.50 -6.92
N VAL A 71 -7.53 13.39 -7.91
CA VAL A 71 -6.81 13.11 -9.16
C VAL A 71 -5.67 14.15 -9.38
N ASP A 72 -4.45 13.61 -9.52
CA ASP A 72 -3.19 14.32 -9.61
C ASP A 72 -3.15 15.03 -10.94
N GLU A 73 -3.05 16.36 -10.92
CA GLU A 73 -2.91 17.13 -12.15
C GLU A 73 -1.67 18.05 -12.11
N GLN A 74 -0.70 17.66 -11.31
CA GLN A 74 0.53 18.39 -11.13
C GLN A 74 1.39 18.38 -12.39
N PHE A 75 1.35 17.29 -13.14
CA PHE A 75 2.14 17.16 -14.34
C PHE A 75 1.25 16.61 -15.47
N PRO A 76 0.25 17.40 -15.88
CA PRO A 76 -0.73 16.89 -16.84
C PRO A 76 0.01 16.34 -18.02
N GLY A 77 -0.38 15.14 -18.46
CA GLY A 77 0.25 14.45 -19.59
C GLY A 77 1.47 13.60 -19.25
N PHE A 78 2.01 13.77 -18.06
CA PHE A 78 3.31 13.19 -17.83
C PHE A 78 3.07 11.72 -17.43
N SER A 79 3.74 10.81 -18.14
CA SER A 79 3.43 9.40 -17.97
C SER A 79 3.72 8.94 -16.54
N GLY A 80 4.85 9.40 -15.99
CA GLY A 80 5.26 9.03 -14.68
C GLY A 80 4.26 9.30 -13.58
N SER A 81 3.37 10.26 -13.78
CA SER A 81 2.35 10.57 -12.80
C SER A 81 0.95 10.08 -13.17
N GLU A 82 0.64 10.05 -14.46
CA GLU A 82 -0.69 9.64 -14.89
C GLU A 82 -0.87 8.12 -14.74
N MET A 83 0.22 7.39 -14.87
CA MET A 83 0.25 5.97 -14.61
C MET A 83 -0.33 5.52 -13.28
N TRP A 84 -0.60 6.44 -12.41
CA TRP A 84 -1.06 6.20 -11.01
C TRP A 84 -2.51 6.64 -10.82
N ASN A 85 -2.98 7.42 -11.77
CA ASN A 85 -4.30 7.99 -11.70
C ASN A 85 -5.31 6.99 -12.22
N PRO A 86 -6.58 7.14 -11.81
CA PRO A 86 -7.65 6.34 -12.33
C PRO A 86 -7.63 6.28 -13.82
N ASN A 87 -7.67 5.08 -14.39
CA ASN A 87 -7.92 4.95 -15.80
C ASN A 87 -9.32 4.47 -16.14
N ARG A 88 -10.33 4.72 -15.32
CA ARG A 88 -11.74 4.45 -15.73
C ARG A 88 -12.63 5.43 -15.08
N GLU A 89 -13.87 5.51 -15.49
CA GLU A 89 -14.78 6.44 -14.84
C GLU A 89 -14.79 6.11 -13.35
N MET A 90 -14.78 7.16 -12.54
CA MET A 90 -14.82 6.99 -11.14
C MET A 90 -16.27 6.87 -10.78
N SER A 91 -16.55 6.14 -9.72
CA SER A 91 -17.89 6.05 -9.18
C SER A 91 -17.89 5.59 -7.74
N GLU A 92 -18.95 5.92 -7.01
CA GLU A 92 -19.14 5.32 -5.71
C GLU A 92 -19.42 3.81 -5.83
N ASP A 93 -19.87 3.37 -7.01
CA ASP A 93 -20.04 1.95 -7.31
C ASP A 93 -18.73 1.39 -7.79
N CYS A 94 -17.96 0.89 -6.85
CA CYS A 94 -16.58 0.56 -7.15
C CYS A 94 -16.00 -0.66 -6.46
N LEU A 95 -16.78 -1.34 -5.60
CA LEU A 95 -16.28 -2.53 -4.91
C LEU A 95 -16.28 -3.82 -5.75
N TYR A 96 -15.22 -4.01 -6.53
CA TYR A 96 -15.08 -5.16 -7.43
C TYR A 96 -13.70 -5.72 -7.27
N LEU A 97 -13.49 -6.94 -7.80
CA LEU A 97 -12.16 -7.53 -7.85
C LEU A 97 -11.86 -8.10 -9.25
N ASN A 98 -10.64 -8.50 -9.50
CA ASN A 98 -10.24 -8.92 -10.81
C ASN A 98 -9.38 -10.13 -10.63
N ILE A 99 -9.56 -11.12 -11.49
CA ILE A 99 -8.88 -12.41 -11.31
C ILE A 99 -8.23 -12.87 -12.56
N TRP A 100 -6.95 -13.20 -12.48
CA TRP A 100 -6.18 -13.63 -13.63
C TRP A 100 -5.84 -15.07 -13.35
N VAL A 101 -6.27 -15.98 -14.24
CA VAL A 101 -6.11 -17.42 -14.07
C VAL A 101 -5.35 -18.03 -15.23
N PRO A 102 -4.35 -18.89 -14.95
CA PRO A 102 -3.62 -19.64 -15.95
C PRO A 102 -4.50 -20.49 -16.89
N SER A 103 -3.93 -20.82 -18.05
CA SER A 103 -4.55 -21.68 -19.06
C SER A 103 -3.62 -22.84 -19.40
N PRO A 104 -4.09 -24.06 -19.25
CA PRO A 104 -5.40 -24.44 -18.71
C PRO A 104 -5.58 -24.17 -17.23
N ARG A 105 -6.81 -23.88 -16.86
CA ARG A 105 -7.22 -23.68 -15.47
C ARG A 105 -6.60 -24.71 -14.54
N PRO A 106 -5.95 -24.26 -13.47
CA PRO A 106 -5.42 -25.29 -12.59
C PRO A 106 -6.51 -25.82 -11.64
N LYS A 107 -6.14 -26.73 -10.75
CA LYS A 107 -7.12 -27.26 -9.79
C LYS A 107 -6.99 -26.56 -8.43
N SER A 108 -5.77 -26.44 -7.95
CA SER A 108 -5.57 -25.98 -6.58
C SER A 108 -4.18 -25.43 -6.46
N THR A 109 -3.96 -24.30 -7.14
CA THR A 109 -2.68 -23.56 -7.08
C THR A 109 -2.69 -22.31 -6.13
N THR A 110 -1.50 -21.80 -5.89
CA THR A 110 -1.30 -20.66 -5.03
C THR A 110 -2.03 -19.39 -5.49
N VAL A 111 -2.56 -18.65 -4.53
CA VAL A 111 -3.31 -17.44 -4.81
C VAL A 111 -2.56 -16.24 -4.23
N MET A 112 -2.54 -15.15 -5.00
CA MET A 112 -1.90 -13.86 -4.57
C MET A 112 -2.94 -12.79 -4.68
N VAL A 113 -3.18 -12.04 -3.61
CA VAL A 113 -4.18 -11.01 -3.65
C VAL A 113 -3.49 -9.72 -3.39
N TRP A 114 -3.61 -8.81 -4.36
CA TRP A 114 -2.94 -7.52 -4.35
C TRP A 114 -3.87 -6.49 -3.79
N ILE A 115 -3.34 -5.72 -2.85
CA ILE A 115 -4.02 -4.56 -2.30
C ILE A 115 -3.28 -3.24 -2.64
N TYR A 116 -3.96 -2.38 -3.40
CA TYR A 116 -3.31 -1.16 -3.89
C TYR A 116 -3.04 -0.15 -2.80
N GLY A 117 -1.92 0.55 -2.98
CA GLY A 117 -1.61 1.75 -2.18
C GLY A 117 -2.19 3.03 -2.73
N GLY A 118 -1.65 4.15 -2.26
CA GLY A 118 -2.16 5.50 -2.60
C GLY A 118 -2.66 6.26 -1.37
N GLY A 119 -1.97 6.07 -0.25
CA GLY A 119 -2.21 6.89 0.93
C GLY A 119 -3.59 6.87 1.54
N PHE A 120 -4.39 5.86 1.17
CA PHE A 120 -5.74 5.67 1.72
C PHE A 120 -6.68 6.69 1.15
N TYR A 121 -6.21 7.48 0.18
CA TYR A 121 -7.00 8.59 -0.42
C TYR A 121 -7.10 8.46 -1.92
N SER A 122 -6.32 7.57 -2.49
CA SER A 122 -6.40 7.24 -3.89
C SER A 122 -6.00 5.75 -4.13
N GLY A 123 -6.14 5.31 -5.36
CA GLY A 123 -5.69 3.97 -5.79
C GLY A 123 -6.69 3.31 -6.77
N SER A 124 -6.21 2.42 -7.62
CA SER A 124 -7.09 1.77 -8.51
C SER A 124 -6.62 0.35 -8.69
N SER A 125 -7.57 -0.57 -8.88
CA SER A 125 -7.21 -1.98 -9.03
C SER A 125 -6.86 -2.24 -10.43
N THR A 126 -7.14 -1.24 -11.30
CA THR A 126 -7.18 -1.41 -12.76
C THR A 126 -6.05 -0.79 -13.54
N LEU A 127 -4.99 -0.33 -12.88
CA LEU A 127 -3.89 0.37 -13.52
C LEU A 127 -3.00 -0.54 -14.29
N ASP A 128 -2.33 -0.02 -15.30
CA ASP A 128 -1.49 -0.88 -16.11
C ASP A 128 -0.41 -1.54 -15.29
N VAL A 129 0.16 -0.82 -14.36
CA VAL A 129 1.29 -1.35 -13.64
C VAL A 129 0.82 -2.44 -12.62
N TYR A 130 -0.50 -2.57 -12.40
CA TYR A 130 -1.07 -3.69 -11.60
C TYR A 130 -1.69 -4.83 -12.46
N ASN A 131 -1.29 -4.94 -13.72
CA ASN A 131 -1.85 -6.02 -14.53
C ASN A 131 -1.33 -7.39 -14.09
N GLY A 132 -2.22 -8.19 -13.51
CA GLY A 132 -1.84 -9.48 -12.92
C GLY A 132 -1.43 -10.58 -13.87
N LYS A 133 -1.59 -10.33 -15.17
CA LYS A 133 -1.36 -11.38 -16.13
C LYS A 133 0.06 -11.85 -16.22
N TYR A 134 1.06 -10.96 -16.18
CA TYR A 134 2.47 -11.41 -16.36
C TYR A 134 2.84 -12.36 -15.22
N LEU A 135 2.36 -12.06 -14.03
CA LEU A 135 2.63 -12.87 -12.84
C LEU A 135 1.85 -14.17 -12.92
N ALA A 136 0.53 -14.07 -13.10
CA ALA A 136 -0.31 -15.25 -13.30
C ALA A 136 0.34 -16.26 -14.26
N TYR A 137 0.76 -15.75 -15.41
CA TYR A 137 1.28 -16.59 -16.46
C TYR A 137 2.67 -17.10 -16.16
N THR A 138 3.54 -16.28 -15.64
CA THR A 138 4.93 -16.72 -15.51
C THR A 138 5.11 -17.65 -14.33
N GLU A 139 4.32 -17.50 -13.27
CA GLU A 139 4.46 -18.33 -12.05
C GLU A 139 3.26 -19.26 -11.86
N GLU A 140 2.31 -19.29 -12.80
CA GLU A 140 1.17 -20.22 -12.72
C GLU A 140 0.55 -20.01 -11.36
N VAL A 141 0.11 -18.77 -11.07
CA VAL A 141 -0.66 -18.45 -9.88
C VAL A 141 -1.94 -17.79 -10.28
N VAL A 142 -2.88 -17.81 -9.39
CA VAL A 142 -4.11 -17.10 -9.55
C VAL A 142 -3.91 -15.79 -8.81
N LEU A 143 -4.02 -14.70 -9.55
CA LEU A 143 -3.66 -13.38 -9.07
C LEU A 143 -4.93 -12.59 -9.00
N VAL A 144 -5.26 -12.14 -7.81
CA VAL A 144 -6.47 -11.40 -7.63
C VAL A 144 -6.04 -9.98 -7.31
N SER A 145 -6.88 -9.01 -7.69
CA SER A 145 -6.67 -7.70 -7.16
C SER A 145 -7.97 -7.15 -6.80
N LEU A 146 -8.06 -6.64 -5.59
CA LEU A 146 -9.29 -6.13 -5.10
C LEU A 146 -9.25 -4.61 -5.14
N SER A 147 -10.32 -4.01 -4.68
CA SER A 147 -10.43 -2.63 -4.60
C SER A 147 -11.14 -2.33 -3.28
N TYR A 148 -11.04 -1.08 -2.85
CA TYR A 148 -11.60 -0.59 -1.61
C TYR A 148 -11.79 0.90 -1.61
N ARG A 149 -12.82 1.34 -0.92
CA ARG A 149 -13.12 2.75 -0.80
C ARG A 149 -11.98 3.54 -0.13
N VAL A 150 -11.52 4.59 -0.84
CA VAL A 150 -10.55 5.52 -0.30
C VAL A 150 -11.19 6.84 0.11
N GLY A 151 -10.39 7.67 0.75
CA GLY A 151 -10.79 8.99 1.13
C GLY A 151 -11.77 8.94 2.28
N ALA A 152 -12.52 10.01 2.42
CA ALA A 152 -13.63 10.08 3.34
C ALA A 152 -14.64 8.93 3.17
N PHE A 153 -14.89 8.51 1.94
CA PHE A 153 -15.82 7.43 1.60
C PHE A 153 -15.45 6.13 2.34
N GLY A 154 -14.15 5.85 2.39
CA GLY A 154 -13.62 4.71 3.06
C GLY A 154 -13.31 4.90 4.51
N PHE A 155 -13.07 6.13 4.95
CA PHE A 155 -12.41 6.35 6.24
C PHE A 155 -12.95 7.47 7.14
N LEU A 156 -14.08 8.06 6.81
CA LEU A 156 -14.68 9.03 7.75
C LEU A 156 -15.03 8.31 9.04
N ALA A 157 -14.47 8.73 10.17
CA ALA A 157 -14.68 8.00 11.40
C ALA A 157 -15.40 8.82 12.43
N LEU A 158 -16.64 8.44 12.76
CA LEU A 158 -17.35 9.00 13.90
C LEU A 158 -17.64 7.88 14.85
N HIS A 159 -16.65 7.54 15.63
CA HIS A 159 -16.76 6.43 16.55
C HIS A 159 -18.01 6.57 17.36
N GLY A 160 -18.79 5.50 17.48
CA GLY A 160 -20.00 5.48 18.32
C GLY A 160 -21.22 5.34 17.44
N SER A 161 -21.17 6.03 16.31
CA SER A 161 -22.15 5.89 15.26
C SER A 161 -21.95 4.56 14.61
N GLN A 162 -23.02 3.99 14.06
CA GLN A 162 -22.92 2.84 13.19
C GLN A 162 -23.05 3.29 11.73
N GLU A 163 -23.44 4.55 11.52
CA GLU A 163 -23.65 5.07 10.17
C GLU A 163 -22.34 5.46 9.47
N ALA A 164 -21.36 5.90 10.25
CA ALA A 164 -19.98 6.11 9.76
C ALA A 164 -19.01 5.72 10.88
N PRO A 165 -18.86 4.41 11.09
CA PRO A 165 -18.09 3.89 12.18
C PRO A 165 -16.61 4.03 11.97
N GLY A 166 -16.21 4.41 10.77
CA GLY A 166 -14.81 4.35 10.38
C GLY A 166 -14.31 2.95 9.97
N ASN A 167 -13.13 2.92 9.37
CA ASN A 167 -12.48 1.72 8.91
C ASN A 167 -13.15 0.96 7.78
N VAL A 168 -14.19 1.53 7.21
CA VAL A 168 -15.01 0.70 6.32
C VAL A 168 -14.25 0.29 5.07
N GLY A 169 -13.24 1.04 4.67
CA GLY A 169 -12.41 0.63 3.56
C GLY A 169 -11.55 -0.58 3.90
N LEU A 170 -11.17 -0.73 5.17
CA LEU A 170 -10.44 -1.90 5.51
C LEU A 170 -11.46 -3.09 5.46
N LEU A 171 -12.72 -2.82 5.83
CA LEU A 171 -13.78 -3.83 5.76
C LEU A 171 -14.08 -4.21 4.32
N ASP A 172 -14.01 -3.25 3.38
CA ASP A 172 -14.11 -3.64 1.99
C ASP A 172 -13.01 -4.65 1.64
N GLN A 173 -11.81 -4.43 2.10
CA GLN A 173 -10.75 -5.32 1.71
C GLN A 173 -11.07 -6.69 2.27
N ARG A 174 -11.62 -6.70 3.47
CA ARG A 174 -11.82 -7.94 4.21
C ARG A 174 -12.87 -8.77 3.55
N MET A 175 -13.89 -8.10 3.05
CA MET A 175 -14.97 -8.76 2.36
C MET A 175 -14.50 -9.36 1.09
N ALA A 176 -13.57 -8.72 0.42
CA ALA A 176 -13.05 -9.25 -0.80
C ALA A 176 -12.24 -10.47 -0.44
N LEU A 177 -11.61 -10.44 0.72
CA LEU A 177 -10.81 -11.57 1.11
C LEU A 177 -11.71 -12.75 1.51
N GLN A 178 -12.87 -12.43 2.08
CA GLN A 178 -13.86 -13.42 2.39
C GLN A 178 -14.29 -14.09 1.11
N TRP A 179 -14.62 -13.29 0.12
CA TRP A 179 -15.02 -13.80 -1.13
C TRP A 179 -13.97 -14.69 -1.77
N VAL A 180 -12.72 -14.33 -1.63
CA VAL A 180 -11.71 -15.18 -2.22
C VAL A 180 -11.66 -16.54 -1.49
N HIS A 181 -11.71 -16.48 -0.17
CA HIS A 181 -11.72 -17.62 0.66
C HIS A 181 -12.85 -18.55 0.23
N ASP A 182 -14.03 -17.98 -0.01
CA ASP A 182 -15.23 -18.72 -0.32
C ASP A 182 -15.33 -19.17 -1.78
N ASN A 183 -14.58 -18.59 -2.72
CA ASN A 183 -14.87 -18.82 -4.13
C ASN A 183 -13.68 -19.05 -5.03
N ILE A 184 -12.49 -18.78 -4.54
CA ILE A 184 -11.38 -18.84 -5.42
C ILE A 184 -11.17 -20.27 -5.94
N GLN A 185 -11.81 -21.28 -5.33
CA GLN A 185 -11.51 -22.69 -5.70
C GLN A 185 -12.13 -23.02 -7.02
N PHE A 186 -13.23 -22.35 -7.29
CA PHE A 186 -13.89 -22.40 -8.55
C PHE A 186 -13.04 -21.93 -9.71
N PHE A 187 -11.95 -21.22 -9.40
CA PHE A 187 -11.10 -20.66 -10.43
C PHE A 187 -9.76 -21.36 -10.46
N GLY A 188 -9.61 -22.40 -9.64
CA GLY A 188 -8.35 -23.15 -9.58
C GLY A 188 -7.51 -22.78 -8.39
N GLY A 189 -8.06 -21.93 -7.54
CA GLY A 189 -7.25 -21.37 -6.50
C GLY A 189 -7.38 -22.16 -5.25
N ASP A 190 -6.29 -22.27 -4.53
CA ASP A 190 -6.25 -22.94 -3.25
C ASP A 190 -6.51 -21.97 -2.10
N PRO A 191 -7.73 -21.93 -1.60
CA PRO A 191 -8.05 -21.01 -0.53
C PRO A 191 -7.28 -21.16 0.76
N LYS A 192 -6.34 -22.06 0.84
CA LYS A 192 -5.59 -22.16 2.06
C LYS A 192 -4.15 -21.87 1.75
N THR A 193 -3.92 -21.34 0.57
CA THR A 193 -2.62 -20.81 0.27
C THR A 193 -2.83 -19.44 -0.36
N VAL A 194 -3.59 -18.61 0.32
CA VAL A 194 -3.74 -17.22 -0.07
C VAL A 194 -2.68 -16.35 0.54
N THR A 195 -1.88 -15.70 -0.31
CA THR A 195 -0.96 -14.67 0.14
C THR A 195 -1.54 -13.28 -0.18
N ILE A 196 -1.67 -12.42 0.84
CA ILE A 196 -1.97 -11.00 0.59
C ILE A 196 -0.67 -10.22 0.43
N PHE A 197 -0.64 -9.37 -0.59
CA PHE A 197 0.51 -8.46 -0.80
C PHE A 197 0.14 -7.04 -1.22
N GLY A 198 0.96 -6.08 -0.83
CA GLY A 198 0.57 -4.67 -1.03
C GLY A 198 1.69 -3.67 -0.88
N GLU A 199 1.54 -2.52 -1.52
CA GLU A 199 2.52 -1.44 -1.48
C GLU A 199 1.96 -0.23 -0.79
N SER A 200 2.78 0.37 0.05
CA SER A 200 2.42 1.66 0.61
C SER A 200 1.15 1.36 1.41
N ALA A 201 0.11 2.14 1.29
CA ALA A 201 -1.04 1.99 2.16
C ALA A 201 -1.57 0.54 2.05
N GLY A 202 -1.22 -0.14 0.97
CA GLY A 202 -1.59 -1.51 0.74
C GLY A 202 -0.75 -2.38 1.63
N GLY A 203 0.54 -2.08 1.69
CA GLY A 203 1.44 -2.66 2.62
C GLY A 203 0.96 -2.54 4.03
N ALA A 204 0.46 -1.38 4.38
CA ALA A 204 0.04 -1.18 5.73
C ALA A 204 -1.27 -1.92 5.99
N SER A 205 -2.14 -1.88 5.00
CA SER A 205 -3.36 -2.65 4.99
C SER A 205 -3.05 -4.15 5.32
N VAL A 206 -2.06 -4.72 4.66
CA VAL A 206 -1.74 -6.11 4.84
C VAL A 206 -1.35 -6.34 6.30
N GLY A 207 -0.39 -5.60 6.78
CA GLY A 207 -0.07 -5.63 8.17
C GLY A 207 -1.23 -5.40 9.08
N MET A 208 -2.20 -4.62 8.64
CA MET A 208 -3.36 -4.39 9.50
C MET A 208 -4.25 -5.66 9.53
N HIS A 209 -4.28 -6.41 8.46
CA HIS A 209 -5.06 -7.59 8.40
C HIS A 209 -4.43 -8.70 9.23
N ILE A 210 -3.13 -8.63 9.42
CA ILE A 210 -2.38 -9.51 10.29
C ILE A 210 -2.64 -9.18 11.74
N LEU A 211 -2.98 -7.92 11.99
CA LEU A 211 -3.23 -7.53 13.36
C LEU A 211 -4.66 -7.76 13.76
N SER A 212 -5.62 -7.44 12.88
CA SER A 212 -7.05 -7.56 13.16
C SER A 212 -7.54 -9.04 13.26
N PRO A 213 -8.04 -9.46 14.47
CA PRO A 213 -8.55 -10.83 14.70
C PRO A 213 -9.57 -11.22 13.66
N GLY A 214 -10.49 -10.34 13.30
CA GLY A 214 -11.48 -10.66 12.27
C GLY A 214 -10.98 -10.89 10.84
N SER A 215 -9.69 -10.62 10.55
CA SER A 215 -9.12 -10.86 9.22
C SER A 215 -8.11 -12.00 9.21
N ARG A 216 -7.51 -12.32 10.37
CA ARG A 216 -6.40 -13.29 10.37
C ARG A 216 -6.72 -14.63 9.68
N ASP A 217 -7.95 -15.11 9.79
CA ASP A 217 -8.24 -16.49 9.32
C ASP A 217 -8.44 -16.56 7.81
N LEU A 218 -8.57 -15.40 7.15
CA LEU A 218 -8.88 -15.33 5.72
C LEU A 218 -7.65 -15.41 4.78
N PHE A 219 -6.44 -15.60 5.31
CA PHE A 219 -5.31 -15.70 4.38
C PHE A 219 -4.20 -16.43 5.09
N ARG A 220 -3.18 -16.81 4.38
CA ARG A 220 -2.12 -17.64 4.92
C ARG A 220 -0.79 -16.94 5.18
N ARG A 221 -0.34 -16.18 4.19
CA ARG A 221 0.80 -15.32 4.40
C ARG A 221 0.74 -13.95 3.74
N ALA A 222 1.75 -13.16 4.00
CA ALA A 222 1.71 -11.72 3.69
C ALA A 222 3.03 -11.22 3.13
N ILE A 223 2.92 -10.37 2.13
CA ILE A 223 4.04 -9.56 1.65
C ILE A 223 3.72 -8.08 1.81
N LEU A 224 4.60 -7.36 2.48
CA LEU A 224 4.43 -5.91 2.75
C LEU A 224 5.54 -5.11 2.06
N GLN A 225 5.18 -4.27 1.12
CA GLN A 225 6.16 -3.46 0.38
C GLN A 225 6.06 -1.98 0.79
N SER A 226 7.05 -1.47 1.52
CA SER A 226 7.17 -0.03 1.71
C SER A 226 5.94 0.45 2.41
N GLY A 227 5.53 -0.27 3.43
CA GLY A 227 4.39 0.15 4.23
C GLY A 227 4.35 -0.76 5.43
N SER A 228 3.87 -0.23 6.54
CA SER A 228 3.65 -1.06 7.67
C SER A 228 2.52 -0.48 8.51
N PRO A 229 1.81 -1.34 9.20
CA PRO A 229 0.58 -0.83 9.80
C PRO A 229 0.90 0.26 10.85
N ASN A 230 2.08 0.20 11.49
CA ASN A 230 2.51 1.26 12.45
C ASN A 230 3.12 2.58 11.87
N CYS A 231 3.06 2.79 10.56
CA CYS A 231 3.51 4.04 9.94
C CYS A 231 2.72 5.26 10.54
N PRO A 232 3.41 6.39 10.78
CA PRO A 232 2.78 7.53 11.44
C PRO A 232 1.68 8.18 10.65
N TRP A 233 1.64 7.94 9.34
CA TRP A 233 0.59 8.40 8.46
C TRP A 233 -0.58 7.43 8.32
N ALA A 234 -0.37 6.18 8.73
CA ALA A 234 -1.33 5.10 8.42
C ALA A 234 -2.50 5.00 9.34
N SER A 235 -2.51 5.68 10.49
CA SER A 235 -3.71 5.66 11.32
C SER A 235 -3.82 6.81 12.32
N VAL A 236 -5.06 7.12 12.76
CA VAL A 236 -5.30 8.09 13.86
C VAL A 236 -6.18 7.61 15.01
N SER A 237 -6.20 8.34 16.11
CA SER A 237 -7.08 8.00 17.23
C SER A 237 -8.52 8.30 16.85
N VAL A 238 -9.47 7.77 17.62
CA VAL A 238 -10.88 8.05 17.33
C VAL A 238 -11.18 9.50 17.54
N ALA A 239 -10.57 10.12 18.55
CA ALA A 239 -10.72 11.59 18.72
C ALA A 239 -10.23 12.38 17.49
N GLU A 240 -9.07 12.01 16.96
CA GLU A 240 -8.57 12.73 15.81
C GLU A 240 -9.46 12.47 14.62
N GLY A 241 -10.05 11.28 14.59
CA GLY A 241 -10.96 10.96 13.49
C GLY A 241 -12.20 11.83 13.56
N ARG A 242 -12.77 11.84 14.76
CA ARG A 242 -13.92 12.68 15.01
C ARG A 242 -13.60 14.12 14.57
N ARG A 243 -12.56 14.73 15.14
CA ARG A 243 -12.18 16.11 14.86
C ARG A 243 -12.20 16.42 13.37
N ARG A 244 -11.71 15.48 12.57
CA ARG A 244 -11.64 15.67 11.13
C ARG A 244 -12.95 15.44 10.47
N ALA A 245 -13.72 14.49 10.96
CA ALA A 245 -15.05 14.25 10.40
C ALA A 245 -15.80 15.57 10.48
N VAL A 246 -15.94 16.06 11.71
CA VAL A 246 -16.51 17.36 11.95
C VAL A 246 -15.91 18.46 11.07
N GLU A 247 -14.61 18.73 11.22
CA GLU A 247 -13.95 19.78 10.44
C GLU A 247 -14.29 19.71 8.95
N LEU A 248 -14.50 18.52 8.44
CA LEU A 248 -14.96 18.34 7.07
C LEU A 248 -16.34 18.91 6.87
N GLY A 249 -17.20 18.66 7.87
CA GLY A 249 -18.53 19.28 7.91
C GLY A 249 -18.48 20.79 7.75
N ARG A 250 -17.68 21.43 8.58
CA ARG A 250 -17.58 22.86 8.61
C ARG A 250 -17.24 23.44 7.22
N ASN A 251 -16.40 22.78 6.42
CA ASN A 251 -16.03 23.28 5.10
C ASN A 251 -17.13 23.13 4.07
N LEU A 252 -18.23 22.46 4.43
CA LEU A 252 -19.43 22.33 3.52
C LEU A 252 -20.72 22.91 4.17
N ASN A 253 -20.52 23.86 5.07
CA ASN A 253 -21.58 24.56 5.80
C ASN A 253 -22.62 23.54 6.25
N CYS A 254 -22.12 22.47 6.84
CA CYS A 254 -22.95 21.37 7.31
C CYS A 254 -23.40 21.65 8.71
N ASN A 255 -24.50 21.03 9.11
CA ASN A 255 -24.96 21.11 10.47
C ASN A 255 -24.17 20.14 11.30
N LEU A 256 -23.51 20.64 12.34
CA LEU A 256 -22.61 19.82 13.14
C LEU A 256 -23.17 19.45 14.50
N ASN A 257 -24.48 19.48 14.68
CA ASN A 257 -25.03 19.30 16.04
C ASN A 257 -25.07 17.88 16.59
N SER A 258 -25.11 16.90 15.69
CA SER A 258 -25.01 15.48 16.06
C SER A 258 -24.37 14.70 14.91
N ASP A 259 -23.95 13.45 15.23
CA ASP A 259 -23.43 12.52 14.22
C ASP A 259 -24.52 12.34 13.18
N GLU A 260 -25.71 12.01 13.69
CA GLU A 260 -26.88 11.77 12.84
C GLU A 260 -27.10 12.95 11.86
N GLU A 261 -26.90 14.17 12.35
CA GLU A 261 -27.08 15.40 11.54
C GLU A 261 -25.99 15.63 10.48
N LEU A 262 -24.74 15.40 10.90
CA LEU A 262 -23.58 15.61 10.02
C LEU A 262 -23.55 14.61 8.87
N ILE A 263 -23.64 13.35 9.23
CA ILE A 263 -23.62 12.27 8.25
C ILE A 263 -24.72 12.49 7.23
N HIS A 264 -25.95 12.79 7.67
CA HIS A 264 -27.01 13.02 6.71
C HIS A 264 -26.57 14.12 5.72
N CYS A 265 -26.05 15.21 6.26
CA CYS A 265 -25.59 16.33 5.45
C CYS A 265 -24.46 15.87 4.49
N LEU A 266 -23.50 15.10 5.01
CA LEU A 266 -22.41 14.61 4.17
C LEU A 266 -22.87 13.66 3.09
N ARG A 267 -23.92 12.88 3.36
CA ARG A 267 -24.47 11.95 2.36
C ARG A 267 -25.22 12.66 1.26
N GLU A 268 -25.68 13.89 1.52
CA GLU A 268 -26.41 14.66 0.50
C GLU A 268 -25.46 15.23 -0.56
N LYS A 269 -24.14 15.28 -0.29
CA LYS A 269 -23.19 16.00 -1.14
C LYS A 269 -22.75 15.16 -2.31
N LYS A 270 -22.34 15.79 -3.42
CA LYS A 270 -21.80 15.05 -4.54
C LYS A 270 -20.36 14.62 -4.17
N PRO A 271 -19.83 13.58 -4.82
CA PRO A 271 -18.54 13.08 -4.46
C PRO A 271 -17.44 14.12 -4.62
N GLN A 272 -17.38 14.77 -5.77
CA GLN A 272 -16.37 15.82 -5.94
C GLN A 272 -16.44 16.94 -4.88
N GLU A 273 -17.60 17.22 -4.30
CA GLU A 273 -17.65 18.23 -3.25
C GLU A 273 -16.85 17.85 -2.04
N LEU A 274 -16.68 16.55 -1.81
CA LEU A 274 -15.90 16.06 -0.67
C LEU A 274 -14.42 16.02 -1.04
N ILE A 275 -14.15 15.53 -2.21
CA ILE A 275 -12.78 15.51 -2.66
C ILE A 275 -12.19 16.92 -2.66
N ASP A 276 -12.89 17.88 -3.27
CA ASP A 276 -12.49 19.30 -3.30
C ASP A 276 -11.97 19.87 -2.00
N VAL A 277 -12.56 19.57 -0.85
CA VAL A 277 -12.07 20.09 0.46
C VAL A 277 -11.39 19.07 1.41
N GLU A 278 -10.95 17.93 0.89
CA GLU A 278 -10.52 16.85 1.79
C GLU A 278 -9.22 17.21 2.51
N TRP A 279 -8.32 17.87 1.79
CA TRP A 279 -7.00 18.20 2.33
C TRP A 279 -7.04 19.34 3.31
N ASN A 280 -8.17 20.01 3.46
CA ASN A 280 -8.22 21.18 4.30
C ASN A 280 -8.58 20.82 5.73
N VAL A 281 -8.35 19.58 6.15
CA VAL A 281 -8.78 19.09 7.53
C VAL A 281 -7.62 18.58 8.38
N LEU A 282 -6.47 18.44 7.72
CA LEU A 282 -5.23 18.08 8.37
C LEU A 282 -4.94 19.12 9.41
N PRO A 283 -4.45 18.68 10.58
CA PRO A 283 -4.22 19.62 11.66
C PRO A 283 -2.88 20.36 11.53
N PHE A 284 -1.97 19.89 10.66
CA PHE A 284 -0.63 20.46 10.52
C PHE A 284 -0.33 20.67 9.04
N ASP A 285 0.63 21.54 8.81
CA ASP A 285 1.14 21.75 7.50
C ASP A 285 2.24 20.69 7.45
N SER A 286 2.21 19.83 6.44
CA SER A 286 2.87 18.55 6.56
C SER A 286 3.05 17.91 5.21
N ILE A 287 3.90 16.92 5.15
CA ILE A 287 3.86 16.01 4.03
C ILE A 287 3.79 14.59 4.57
N PHE A 288 3.36 13.68 3.71
CA PHE A 288 3.22 12.26 4.04
C PHE A 288 2.25 12.14 5.24
N ARG A 289 1.23 12.97 5.20
CA ARG A 289 0.08 12.85 6.04
C ARG A 289 -1.19 13.00 5.20
N PHE A 290 -2.23 12.28 5.62
CA PHE A 290 -3.39 12.04 4.79
C PHE A 290 -4.60 12.21 5.66
N SER A 291 -5.65 12.76 5.09
CA SER A 291 -6.75 13.21 5.94
C SER A 291 -7.56 12.05 6.52
N PHE A 292 -8.02 11.11 5.69
CA PHE A 292 -8.89 10.00 6.17
C PHE A 292 -8.29 8.62 6.05
N VAL A 293 -8.00 8.03 7.21
CA VAL A 293 -7.20 6.85 7.34
C VAL A 293 -7.69 5.95 8.46
N PRO A 294 -7.13 4.75 8.59
CA PRO A 294 -7.71 3.88 9.58
C PRO A 294 -7.70 4.47 10.93
N VAL A 295 -8.69 4.11 11.70
CA VAL A 295 -8.76 4.56 13.07
C VAL A 295 -8.63 3.42 14.05
N ILE A 296 -8.04 3.70 15.19
CA ILE A 296 -7.79 2.70 16.19
C ILE A 296 -9.02 2.71 17.08
N ASP A 297 -9.93 1.77 16.82
CA ASP A 297 -11.31 1.86 17.31
C ASP A 297 -11.67 0.90 18.45
N GLY A 298 -10.83 -0.07 18.76
CA GLY A 298 -11.23 -1.16 19.68
C GLY A 298 -12.14 -2.24 19.07
N GLU A 299 -12.44 -2.17 17.76
CA GLU A 299 -13.23 -3.18 17.06
C GLU A 299 -12.27 -3.85 16.06
N PHE A 300 -12.06 -3.23 14.92
CA PHE A 300 -11.05 -3.72 13.99
C PHE A 300 -9.70 -3.92 14.65
N PHE A 301 -9.29 -2.95 15.48
CA PHE A 301 -8.03 -3.05 16.26
C PHE A 301 -8.43 -3.03 17.71
N PRO A 302 -8.25 -4.14 18.45
CA PRO A 302 -8.78 -4.19 19.82
C PRO A 302 -8.05 -3.27 20.83
N THR A 303 -6.74 -3.11 20.65
CA THR A 303 -5.95 -2.13 21.38
C THR A 303 -4.94 -1.40 20.45
N SER A 304 -4.13 -0.52 21.04
CA SER A 304 -3.13 0.21 20.29
C SER A 304 -2.23 -0.77 19.56
N LEU A 305 -1.74 -0.33 18.40
CA LEU A 305 -0.89 -1.20 17.60
C LEU A 305 0.33 -1.61 18.37
N GLU A 306 0.88 -0.67 19.10
CA GLU A 306 2.13 -0.96 19.78
C GLU A 306 1.93 -2.02 20.86
N SER A 307 0.79 -1.97 21.56
CA SER A 307 0.54 -2.95 22.64
C SER A 307 0.28 -4.33 22.01
N MET A 308 -0.45 -4.34 20.90
CA MET A 308 -0.66 -5.56 20.10
C MET A 308 0.65 -6.15 19.65
N LEU A 309 1.58 -5.32 19.21
CA LEU A 309 2.80 -5.87 18.72
C LEU A 309 3.70 -6.42 19.81
N ASN A 310 3.71 -5.78 20.99
CA ASN A 310 4.53 -6.28 22.10
C ASN A 310 4.07 -7.59 22.66
N SER A 311 2.76 -7.78 22.69
CA SER A 311 2.16 -8.89 23.37
C SER A 311 2.02 -10.09 22.44
N GLY A 312 2.41 -9.96 21.18
CA GLY A 312 2.20 -11.01 20.21
C GLY A 312 0.76 -11.20 19.72
N ASN A 313 -0.12 -10.26 19.99
CA ASN A 313 -1.47 -10.34 19.45
C ASN A 313 -1.51 -10.04 17.93
N PHE A 314 -1.15 -11.04 17.14
CA PHE A 314 -1.27 -10.97 15.70
C PHE A 314 -1.05 -12.33 15.02
N LYS A 315 -1.31 -12.42 13.73
CA LYS A 315 -1.27 -13.67 13.06
C LYS A 315 0.12 -14.04 12.95
N LYS A 316 0.43 -15.24 13.44
CA LYS A 316 1.76 -15.80 13.33
C LYS A 316 1.87 -16.64 12.08
N THR A 317 2.70 -16.22 11.14
CA THR A 317 2.86 -16.85 9.85
C THR A 317 4.19 -16.37 9.29
N GLN A 318 4.41 -16.55 8.00
CA GLN A 318 5.61 -16.06 7.41
C GLN A 318 5.24 -14.74 6.77
N ILE A 319 6.19 -13.80 6.81
CA ILE A 319 6.11 -12.55 6.03
C ILE A 319 7.40 -12.25 5.29
N LEU A 320 7.20 -11.51 4.22
CA LEU A 320 8.27 -11.06 3.36
C LEU A 320 7.98 -9.60 3.08
N LEU A 321 9.00 -8.77 3.31
CA LEU A 321 8.79 -7.34 3.28
C LEU A 321 10.05 -6.59 3.06
N GLY A 322 9.86 -5.34 2.63
CA GLY A 322 10.99 -4.41 2.56
C GLY A 322 10.69 -3.04 2.03
N VAL A 323 11.77 -2.37 1.59
CA VAL A 323 11.72 -0.96 1.26
C VAL A 323 12.59 -0.54 0.07
N ASN A 324 12.20 0.56 -0.56
CA ASN A 324 13.05 1.22 -1.57
C ASN A 324 14.04 2.22 -1.00
N LYS A 325 15.11 2.48 -1.74
CA LYS A 325 16.20 3.30 -1.28
C LYS A 325 15.78 4.74 -0.95
N ASP A 326 14.93 5.32 -1.79
CA ASP A 326 14.57 6.74 -1.72
C ASP A 326 13.10 6.95 -1.67
N GLU A 327 12.50 6.54 -0.56
CA GLU A 327 11.05 6.58 -0.40
C GLU A 327 10.54 8.03 -0.29
N GLY A 328 11.36 8.92 0.25
CA GLY A 328 10.91 10.29 0.49
C GLY A 328 10.78 11.21 -0.72
N SER A 329 11.45 10.89 -1.81
CA SER A 329 11.61 11.87 -2.89
C SER A 329 10.30 12.31 -3.52
N PHE A 330 9.38 11.39 -3.73
CA PHE A 330 8.11 11.70 -4.34
C PHE A 330 7.29 12.79 -3.56
N PHE A 331 7.35 12.74 -2.24
CA PHE A 331 6.57 13.67 -1.43
C PHE A 331 7.25 15.03 -1.33
N LEU A 332 8.57 15.05 -1.19
CA LEU A 332 9.38 16.26 -1.32
C LEU A 332 9.10 16.95 -2.67
N LEU A 333 9.12 16.23 -3.79
CA LEU A 333 8.78 16.80 -5.09
C LEU A 333 7.46 17.48 -5.03
N TYR A 334 6.47 16.77 -4.50
CA TYR A 334 5.09 17.25 -4.62
C TYR A 334 4.72 18.27 -3.59
N GLY A 335 5.42 18.29 -2.46
CA GLY A 335 4.98 19.13 -1.34
C GLY A 335 6.02 19.94 -0.57
N ALA A 336 7.29 19.91 -0.98
CA ALA A 336 8.31 20.67 -0.28
C ALA A 336 8.91 21.78 -1.15
N PRO A 337 9.11 22.97 -0.59
CA PRO A 337 9.73 24.05 -1.37
C PRO A 337 11.18 23.77 -1.68
N GLY A 338 11.54 24.03 -2.93
CA GLY A 338 12.95 23.86 -3.39
C GLY A 338 13.13 22.77 -4.44
N PHE A 339 12.13 21.92 -4.55
CA PHE A 339 12.22 20.66 -5.25
C PHE A 339 11.32 20.75 -6.41
N SER A 340 11.81 20.32 -7.56
CA SER A 340 11.01 20.39 -8.74
C SER A 340 11.49 19.36 -9.72
N LYS A 341 10.62 19.03 -10.63
CA LYS A 341 10.87 17.92 -11.48
C LYS A 341 11.96 18.05 -12.48
N ASP A 342 12.23 19.27 -12.90
CA ASP A 342 13.08 19.51 -14.05
C ASP A 342 14.42 20.12 -13.62
N SER A 343 14.66 20.39 -12.34
CA SER A 343 16.02 20.60 -11.89
C SER A 343 16.54 19.51 -10.95
N GLU A 344 17.84 19.62 -10.66
CA GLU A 344 18.52 18.83 -9.68
C GLU A 344 18.08 19.11 -8.24
N SER A 345 17.29 20.16 -8.05
CA SER A 345 16.75 20.48 -6.75
C SER A 345 17.79 20.43 -5.66
N LYS A 346 18.89 21.13 -5.87
CA LYS A 346 19.81 21.42 -4.76
C LYS A 346 19.13 22.37 -3.81
N ILE A 347 19.40 22.29 -2.52
CA ILE A 347 18.46 22.80 -1.53
C ILE A 347 19.20 23.72 -0.57
N SER A 348 18.77 24.95 -0.41
CA SER A 348 19.45 25.86 0.49
C SER A 348 19.23 25.42 1.93
N ARG A 349 20.10 25.82 2.84
CA ARG A 349 19.86 25.66 4.27
C ARG A 349 18.44 26.00 4.61
N GLU A 350 17.95 27.11 4.08
CA GLU A 350 16.71 27.67 4.52
C GLU A 350 15.59 26.77 4.05
N ASP A 351 15.72 26.16 2.89
CA ASP A 351 14.68 25.26 2.43
C ASP A 351 14.80 23.85 3.09
N PHE A 352 15.99 23.52 3.54
CA PHE A 352 16.18 22.33 4.32
C PHE A 352 15.36 22.42 5.58
N MET A 353 15.56 23.48 6.32
CA MET A 353 14.86 23.63 7.56
C MET A 353 13.35 23.76 7.40
N SER A 354 12.90 24.36 6.30
CA SER A 354 11.49 24.25 5.92
C SER A 354 11.05 22.80 5.72
N GLY A 355 11.84 22.03 4.97
CA GLY A 355 11.67 20.58 4.77
C GLY A 355 11.42 19.85 6.07
N VAL A 356 12.24 20.14 7.06
CA VAL A 356 12.27 19.39 8.26
C VAL A 356 11.01 19.57 9.05
N LYS A 357 10.63 20.81 9.20
CA LYS A 357 9.38 21.18 9.84
C LYS A 357 8.16 20.50 9.17
N LEU A 358 8.21 20.36 7.86
CA LEU A 358 7.11 19.75 7.11
C LEU A 358 7.11 18.23 7.31
N SER A 359 8.29 17.65 7.45
CA SER A 359 8.47 16.24 7.49
C SER A 359 8.15 15.65 8.88
N VAL A 360 8.24 16.47 9.91
CA VAL A 360 8.08 16.03 11.26
C VAL A 360 7.14 16.99 11.94
N PRO A 361 5.93 17.07 11.45
CA PRO A 361 4.94 18.07 11.85
C PRO A 361 4.52 18.07 13.29
N HIS A 362 4.58 16.92 13.92
CA HIS A 362 4.15 16.77 15.32
C HIS A 362 5.26 17.17 16.30
N ALA A 363 6.33 17.77 15.82
CA ALA A 363 7.51 17.95 16.64
C ALA A 363 7.67 19.37 17.08
N ASN A 364 8.14 19.53 18.30
CA ASN A 364 8.54 20.80 18.83
C ASN A 364 9.95 21.21 18.35
N ASP A 365 10.41 22.37 18.83
CA ASP A 365 11.63 22.94 18.33
C ASP A 365 12.85 22.15 18.74
N LEU A 366 12.87 21.67 19.98
CA LEU A 366 13.89 20.73 20.39
C LEU A 366 13.91 19.48 19.50
N GLY A 367 12.75 18.96 19.11
CA GLY A 367 12.69 17.85 18.20
C GLY A 367 13.25 18.17 16.84
N LEU A 368 12.83 19.29 16.30
CA LEU A 368 13.36 19.71 15.01
C LEU A 368 14.86 19.89 15.04
N ASP A 369 15.39 20.34 16.17
CA ASP A 369 16.88 20.45 16.27
C ASP A 369 17.56 19.09 16.28
N ALA A 370 16.97 18.13 17.01
CA ALA A 370 17.50 16.79 17.11
C ALA A 370 17.52 16.15 15.74
N VAL A 371 16.44 16.30 14.97
CA VAL A 371 16.44 15.75 13.59
C VAL A 371 17.49 16.38 12.70
N THR A 372 17.60 17.70 12.77
CA THR A 372 18.56 18.45 11.96
C THR A 372 20.00 18.10 12.31
N LEU A 373 20.26 17.99 13.59
CA LEU A 373 21.60 17.53 14.01
C LEU A 373 21.95 16.15 13.39
N GLN A 374 21.00 15.20 13.41
CA GLN A 374 21.22 13.83 12.94
C GLN A 374 21.52 13.73 11.50
N TYR A 375 20.99 14.65 10.71
CA TYR A 375 21.04 14.52 9.25
C TYR A 375 21.84 15.63 8.55
N THR A 376 22.61 16.43 9.26
CA THR A 376 23.39 17.49 8.61
C THR A 376 24.84 17.16 8.69
N ASP A 377 25.58 17.12 7.60
CA ASP A 377 27.03 17.07 7.73
C ASP A 377 27.53 18.48 8.06
N TRP A 378 27.94 18.75 9.31
CA TRP A 378 28.39 20.10 9.71
C TRP A 378 29.71 20.55 9.18
N MET A 379 30.45 19.66 8.54
CA MET A 379 31.62 20.06 7.79
C MET A 379 31.22 20.82 6.54
N ASP A 380 29.99 20.67 6.06
CA ASP A 380 29.61 20.98 4.68
C ASP A 380 28.10 21.32 4.62
N ASP A 381 27.71 22.20 5.53
CA ASP A 381 26.30 22.48 5.75
C ASP A 381 25.59 23.29 4.66
N ASN A 382 26.31 23.68 3.60
CA ASN A 382 25.73 24.38 2.43
C ASN A 382 25.86 23.62 1.14
N ASN A 383 26.19 22.34 1.22
CA ASN A 383 26.12 21.50 0.03
C ASN A 383 24.62 21.21 -0.24
N GLY A 384 24.12 21.58 -1.40
CA GLY A 384 22.71 21.56 -1.68
C GLY A 384 22.31 20.16 -2.09
N ILE A 385 23.27 19.40 -2.57
CA ILE A 385 23.06 18.00 -2.86
C ILE A 385 22.91 17.28 -1.52
N LYS A 386 23.75 17.60 -0.57
CA LYS A 386 23.66 16.92 0.72
C LYS A 386 22.42 17.27 1.47
N ASN A 387 21.99 18.53 1.41
CA ASN A 387 20.78 18.91 2.08
C ASN A 387 19.57 18.26 1.36
N ARG A 388 19.66 18.03 0.06
CA ARG A 388 18.53 17.50 -0.69
C ARG A 388 18.42 16.01 -0.30
N ASP A 389 19.51 15.30 -0.47
CA ASP A 389 19.62 13.93 -0.13
C ASP A 389 19.29 13.65 1.36
N GLY A 390 19.69 14.57 2.25
CA GLY A 390 19.39 14.45 3.67
C GLY A 390 17.93 14.57 3.99
N LEU A 391 17.24 15.38 3.23
CA LEU A 391 15.80 15.50 3.44
C LEU A 391 15.05 14.27 2.84
N ASP A 392 15.47 13.81 1.68
CA ASP A 392 14.98 12.59 1.08
C ASP A 392 15.06 11.46 2.15
N ASP A 393 16.19 11.34 2.84
CA ASP A 393 16.37 10.34 3.88
C ASP A 393 15.51 10.56 5.12
N ILE A 394 15.22 11.82 5.46
CA ILE A 394 14.49 12.10 6.64
C ILE A 394 13.10 11.60 6.40
N VAL A 395 12.56 11.89 5.23
CA VAL A 395 11.18 11.59 4.96
C VAL A 395 10.95 10.08 4.84
N GLY A 396 11.83 9.45 4.08
CA GLY A 396 11.83 8.00 3.93
C GLY A 396 12.02 7.24 5.23
N ASP A 397 12.95 7.68 6.05
CA ASP A 397 13.25 7.02 7.29
C ASP A 397 12.12 7.18 8.26
N HIS A 398 11.67 8.39 8.44
CA HIS A 398 10.62 8.62 9.41
C HIS A 398 9.30 7.99 9.00
N ASN A 399 8.97 7.98 7.71
CA ASN A 399 7.69 7.49 7.32
C ASN A 399 7.57 6.02 6.88
N VAL A 400 8.65 5.43 6.43
CA VAL A 400 8.55 4.16 5.81
C VAL A 400 9.57 3.20 6.40
N ILE A 401 10.86 3.51 6.35
CA ILE A 401 11.89 2.57 6.74
C ILE A 401 11.89 2.26 8.21
N CYS A 402 12.03 3.24 9.05
CA CYS A 402 12.09 2.95 10.45
C CYS A 402 10.82 2.37 11.05
N PRO A 403 9.64 2.77 10.58
CA PRO A 403 8.49 2.09 11.08
C PRO A 403 8.45 0.65 10.60
N LEU A 404 8.85 0.40 9.35
CA LEU A 404 8.84 -0.94 8.87
C LEU A 404 9.84 -1.83 9.71
N MET A 405 11.00 -1.28 9.99
CA MET A 405 11.98 -1.98 10.75
C MET A 405 11.50 -2.27 12.14
N HIS A 406 10.68 -1.40 12.68
CA HIS A 406 10.18 -1.61 14.03
C HIS A 406 9.12 -2.75 14.01
N PHE A 407 8.27 -2.74 13.00
CA PHE A 407 7.34 -3.80 12.80
C PHE A 407 8.07 -5.12 12.66
N VAL A 408 9.17 -5.14 11.93
CA VAL A 408 9.80 -6.40 11.59
C VAL A 408 10.40 -7.01 12.83
N ASN A 409 10.94 -6.19 13.69
CA ASN A 409 11.67 -6.69 14.78
C ASN A 409 10.67 -7.19 15.79
N LYS A 410 9.54 -6.50 15.92
CA LYS A 410 8.48 -6.95 16.81
C LYS A 410 7.79 -8.25 16.28
N TYR A 411 7.58 -8.34 14.99
CA TYR A 411 6.95 -9.47 14.42
C TYR A 411 7.84 -10.69 14.56
N THR A 412 9.11 -10.50 14.33
CA THR A 412 10.01 -11.62 14.26
C THR A 412 10.21 -12.37 15.61
N LYS A 413 9.95 -11.74 16.75
CA LYS A 413 9.93 -12.45 18.03
C LYS A 413 8.86 -13.53 18.13
N PHE A 414 7.75 -13.38 17.41
CA PHE A 414 6.61 -14.25 17.56
C PHE A 414 6.17 -14.98 16.29
N GLY A 415 6.75 -14.65 15.16
CA GLY A 415 6.29 -15.22 13.90
C GLY A 415 7.08 -16.41 13.44
N ASN A 416 6.70 -16.90 12.27
CA ASN A 416 7.22 -18.14 11.73
C ASN A 416 8.17 -17.97 10.56
N GLY A 417 8.69 -16.77 10.38
CA GLY A 417 9.77 -16.54 9.42
C GLY A 417 9.58 -15.25 8.65
N THR A 418 10.66 -14.52 8.49
CA THR A 418 10.64 -13.18 7.98
C THR A 418 11.76 -13.13 6.98
N TYR A 419 11.46 -12.56 5.83
CA TYR A 419 12.43 -12.36 4.76
C TYR A 419 12.44 -10.84 4.42
N LEU A 420 13.62 -10.20 4.36
CA LEU A 420 13.73 -8.70 4.29
C LEU A 420 14.52 -8.23 3.09
N TYR A 421 13.92 -7.35 2.33
CA TYR A 421 14.63 -6.86 1.15
C TYR A 421 14.83 -5.32 1.17
N PHE A 422 15.86 -4.86 0.48
CA PHE A 422 16.12 -3.44 0.25
C PHE A 422 16.24 -3.26 -1.23
N PHE A 423 15.24 -2.68 -1.86
CA PHE A 423 15.26 -2.52 -3.31
C PHE A 423 16.00 -1.22 -3.67
N ASN A 424 17.15 -1.32 -4.31
CA ASN A 424 17.87 -0.12 -4.72
C ASN A 424 18.25 -0.07 -6.19
N HIS A 425 17.41 -0.54 -7.09
CA HIS A 425 17.72 -0.42 -8.49
C HIS A 425 16.93 0.69 -9.13
N ARG A 426 17.66 1.62 -9.75
CA ARG A 426 17.00 2.67 -10.50
C ARG A 426 16.79 2.16 -11.89
N ALA A 427 15.55 2.23 -12.34
CA ALA A 427 15.26 1.69 -13.63
C ALA A 427 15.88 2.60 -14.66
N SER A 428 16.36 1.97 -15.73
CA SER A 428 17.07 2.64 -16.82
C SER A 428 16.16 3.53 -17.66
N ASN A 429 14.85 3.27 -17.64
CA ASN A 429 13.88 3.97 -18.47
C ASN A 429 12.97 4.87 -17.63
N LEU A 430 13.38 5.14 -16.39
CA LEU A 430 12.58 5.98 -15.51
C LEU A 430 12.51 7.35 -16.12
N VAL A 431 11.34 7.97 -16.00
CA VAL A 431 11.08 9.26 -16.58
C VAL A 431 11.10 10.39 -15.57
N TRP A 432 11.26 10.07 -14.29
CA TRP A 432 11.41 11.03 -13.23
C TRP A 432 12.88 11.35 -13.22
N PRO A 433 13.27 12.51 -12.66
CA PRO A 433 14.66 12.88 -12.67
C PRO A 433 15.52 12.07 -11.73
N GLU A 434 16.80 12.04 -12.04
CA GLU A 434 17.78 11.30 -11.27
C GLU A 434 17.85 11.56 -9.80
N TRP A 435 17.55 12.76 -9.36
CA TRP A 435 17.76 13.06 -7.97
C TRP A 435 16.77 12.31 -7.09
N MET A 436 15.60 12.01 -7.64
CA MET A 436 14.54 11.30 -6.92
C MET A 436 14.95 9.87 -6.57
N GLY A 437 15.92 9.34 -7.27
CA GLY A 437 16.57 8.05 -6.95
C GLY A 437 15.66 6.87 -7.26
N VAL A 438 15.61 5.92 -6.30
CA VAL A 438 14.75 4.75 -6.35
C VAL A 438 13.51 5.08 -5.54
N ILE A 439 12.41 5.23 -6.24
CA ILE A 439 11.25 5.95 -5.81
C ILE A 439 10.10 5.08 -5.25
N HIS A 440 9.40 5.65 -4.28
CA HIS A 440 8.20 5.06 -3.75
C HIS A 440 7.34 4.57 -4.90
N GLY A 441 7.28 3.26 -5.03
CA GLY A 441 6.32 2.64 -5.94
C GLY A 441 6.95 2.00 -7.13
N TYR A 442 8.23 2.16 -7.28
CA TYR A 442 8.83 1.77 -8.58
C TYR A 442 9.46 0.39 -8.54
N GLU A 443 9.37 -0.29 -7.39
CA GLU A 443 9.55 -1.77 -7.36
C GLU A 443 8.29 -2.50 -7.92
N ILE A 444 7.14 -1.87 -7.89
CA ILE A 444 5.94 -2.56 -8.23
C ILE A 444 6.07 -3.15 -9.61
N GLU A 445 6.61 -2.38 -10.54
CA GLU A 445 6.65 -2.78 -11.92
C GLU A 445 7.54 -4.02 -12.11
N PHE A 446 8.48 -4.25 -11.19
CA PHE A 446 9.30 -5.44 -11.22
C PHE A 446 8.53 -6.65 -10.69
N VAL A 447 7.76 -6.39 -9.66
CA VAL A 447 6.97 -7.40 -9.06
C VAL A 447 5.89 -7.88 -10.02
N PHE A 448 5.33 -6.98 -10.82
CA PHE A 448 4.28 -7.41 -11.73
C PHE A 448 4.79 -7.79 -13.11
N GLY A 449 6.11 -7.86 -13.33
CA GLY A 449 6.62 -8.41 -14.60
C GLY A 449 6.67 -7.54 -15.86
N LEU A 450 6.48 -6.24 -15.72
CA LEU A 450 6.52 -5.32 -16.85
C LEU A 450 7.85 -5.24 -17.57
N PRO A 451 8.96 -5.55 -16.92
CA PRO A 451 10.18 -5.57 -17.71
C PRO A 451 10.33 -6.72 -18.70
N LEU A 452 9.31 -7.59 -18.77
CA LEU A 452 9.28 -8.69 -19.77
C LEU A 452 8.73 -8.27 -21.13
N VAL A 453 7.90 -7.24 -21.13
CA VAL A 453 7.33 -6.69 -22.34
C VAL A 453 8.42 -5.84 -23.08
N LYS A 454 8.98 -6.39 -24.18
CA LYS A 454 10.09 -5.77 -24.97
C LYS A 454 9.82 -4.28 -25.24
N GLU A 455 8.57 -3.99 -25.61
CA GLU A 455 8.13 -2.67 -26.04
C GLU A 455 8.27 -1.60 -24.98
N LEU A 456 8.57 -1.96 -23.74
CA LEU A 456 8.58 -0.98 -22.67
C LEU A 456 9.99 -0.49 -22.34
N ASN A 457 10.99 -1.13 -22.93
CA ASN A 457 12.34 -0.60 -22.98
C ASN A 457 13.18 -0.85 -21.73
N TYR A 458 12.88 -1.83 -20.94
CA TYR A 458 13.83 -2.32 -19.94
C TYR A 458 15.02 -3.01 -20.56
N THR A 459 16.18 -2.97 -19.89
CA THR A 459 17.34 -3.75 -20.33
C THR A 459 17.09 -5.23 -20.12
N ALA A 460 17.97 -6.08 -20.63
CA ALA A 460 17.94 -7.52 -20.32
C ALA A 460 18.13 -7.84 -18.83
N GLU A 461 19.05 -7.12 -18.18
CA GLU A 461 19.39 -7.31 -16.77
C GLU A 461 18.14 -6.99 -15.92
N GLU A 462 17.32 -6.07 -16.43
CA GLU A 462 16.12 -5.70 -15.74
C GLU A 462 15.00 -6.74 -15.88
N GLU A 463 14.83 -7.29 -17.08
CA GLU A 463 13.98 -8.47 -17.31
C GLU A 463 14.44 -9.60 -16.39
N ALA A 464 15.73 -9.85 -16.31
CA ALA A 464 16.19 -10.89 -15.41
C ALA A 464 15.75 -10.65 -13.97
N LEU A 465 15.78 -9.40 -13.53
CA LEU A 465 15.62 -9.12 -12.10
C LEU A 465 14.16 -9.27 -11.77
N SER A 466 13.33 -8.74 -12.64
CA SER A 466 11.91 -8.94 -12.56
C SER A 466 11.54 -10.44 -12.45
N ARG A 467 12.13 -11.29 -13.27
CA ARG A 467 11.83 -12.75 -13.24
C ARG A 467 12.25 -13.31 -11.89
N ARG A 468 13.41 -12.91 -11.48
CA ARG A 468 13.96 -13.31 -10.23
C ARG A 468 13.10 -12.89 -9.03
N ILE A 469 12.40 -11.76 -9.16
CA ILE A 469 11.60 -11.21 -8.08
C ILE A 469 10.22 -11.82 -8.13
N MET A 470 9.69 -11.96 -9.34
CA MET A 470 8.39 -12.60 -9.49
C MET A 470 8.44 -14.02 -8.87
N HIS A 471 9.60 -14.64 -8.96
CA HIS A 471 9.74 -15.99 -8.53
C HIS A 471 9.84 -16.03 -7.01
N TYR A 472 10.57 -15.08 -6.43
CA TYR A 472 10.70 -15.02 -4.99
C TYR A 472 9.31 -14.80 -4.39
N TRP A 473 8.56 -13.90 -5.00
CA TRP A 473 7.24 -13.58 -4.48
C TRP A 473 6.34 -14.82 -4.56
N ALA A 474 6.33 -15.51 -5.71
CA ALA A 474 5.41 -16.61 -5.96
C ALA A 474 5.85 -17.81 -5.20
N THR A 475 7.15 -18.09 -5.22
CA THR A 475 7.66 -19.17 -4.42
C THR A 475 7.41 -18.99 -2.92
N PHE A 476 7.60 -17.78 -2.45
CA PHE A 476 7.26 -17.48 -1.07
C PHE A 476 5.76 -17.64 -0.84
N ALA A 477 4.92 -17.23 -1.79
CA ALA A 477 3.50 -17.33 -1.54
C ALA A 477 3.08 -18.82 -1.48
N LYS A 478 3.80 -19.68 -2.22
CA LYS A 478 3.55 -21.09 -2.34
C LYS A 478 4.04 -21.93 -1.13
N THR A 479 5.20 -21.58 -0.58
CA THR A 479 5.87 -22.36 0.43
C THR A 479 6.21 -21.65 1.72
N GLY A 480 6.06 -20.32 1.76
CA GLY A 480 6.56 -19.49 2.88
C GLY A 480 8.06 -19.33 2.87
N ASN A 481 8.71 -19.58 1.74
CA ASN A 481 10.17 -19.32 1.55
C ASN A 481 10.43 -18.93 0.07
N PRO A 482 11.15 -17.82 -0.18
CA PRO A 482 11.33 -17.35 -1.57
C PRO A 482 12.37 -18.13 -2.34
N ASN A 483 13.18 -18.87 -1.59
CA ASN A 483 14.12 -19.78 -2.20
C ASN A 483 13.51 -21.11 -2.63
N GLU A 484 13.96 -21.55 -3.81
CA GLU A 484 13.74 -22.91 -4.27
C GLU A 484 14.54 -23.84 -3.37
N PRO A 485 13.98 -25.02 -3.03
CA PRO A 485 14.60 -26.02 -2.13
C PRO A 485 16.11 -26.39 -2.15
N HIS A 486 16.59 -27.03 -3.21
CA HIS A 486 17.98 -27.06 -3.65
C HIS A 486 17.93 -26.41 -5.03
N SER A 487 18.21 -25.10 -5.05
CA SER A 487 18.58 -24.39 -6.27
C SER A 487 20.08 -24.25 -6.07
N GLN A 488 20.82 -23.90 -7.11
CA GLN A 488 22.27 -23.62 -6.95
C GLN A 488 22.54 -22.10 -7.00
N GLU A 489 21.52 -21.26 -6.80
CA GLU A 489 21.73 -19.80 -6.60
C GLU A 489 21.75 -19.53 -5.13
N SER A 490 22.17 -18.32 -4.79
CA SER A 490 22.50 -18.02 -3.40
C SER A 490 21.21 -17.68 -2.68
N LYS A 491 21.22 -17.93 -1.39
CA LYS A 491 19.99 -18.05 -0.66
C LYS A 491 19.67 -16.74 0.03
N TRP A 492 18.44 -16.27 -0.15
CA TRP A 492 17.95 -15.19 0.63
C TRP A 492 17.79 -15.62 2.09
N PRO A 493 18.71 -15.22 2.97
CA PRO A 493 18.59 -15.71 4.31
C PRO A 493 17.42 -15.17 4.98
N LEU A 494 17.06 -15.90 6.01
CA LEU A 494 15.95 -15.63 6.84
C LEU A 494 16.36 -14.47 7.71
N PHE A 495 15.42 -13.61 8.05
CA PHE A 495 15.72 -12.53 8.99
C PHE A 495 15.46 -13.07 10.38
N THR A 496 16.46 -12.99 11.23
CA THR A 496 16.32 -13.36 12.63
C THR A 496 16.58 -12.20 13.61
N THR A 497 15.92 -12.28 14.76
CA THR A 497 16.15 -11.35 15.85
C THR A 497 17.64 -11.18 16.10
N LYS A 498 18.40 -12.27 16.15
CA LYS A 498 19.81 -12.18 16.53
C LYS A 498 20.63 -11.41 15.49
N GLU A 499 20.44 -11.73 14.22
CA GLU A 499 21.37 -11.33 13.18
C GLU A 499 20.83 -10.37 12.10
N GLN A 500 19.52 -10.29 11.96
CA GLN A 500 18.86 -9.21 11.21
C GLN A 500 19.33 -9.02 9.79
N LYS A 501 19.56 -10.14 9.13
CA LYS A 501 20.01 -10.11 7.77
C LYS A 501 18.89 -9.73 6.80
N PHE A 502 19.30 -9.20 5.67
CA PHE A 502 18.42 -8.85 4.60
C PHE A 502 19.28 -8.82 3.35
N ILE A 503 18.65 -8.80 2.20
CA ILE A 503 19.41 -8.73 0.97
C ILE A 503 19.06 -7.45 0.23
N ASP A 504 19.91 -7.02 -0.68
CA ASP A 504 19.42 -5.96 -1.56
C ASP A 504 18.95 -6.59 -2.82
N LEU A 505 17.89 -6.01 -3.37
CA LEU A 505 17.37 -6.46 -4.64
C LEU A 505 17.79 -5.54 -5.77
N ASN A 506 18.68 -6.01 -6.64
CA ASN A 506 19.08 -5.27 -7.86
C ASN A 506 19.69 -6.17 -8.91
N THR A 507 20.25 -5.60 -9.94
CA THR A 507 20.93 -6.35 -10.97
C THR A 507 22.31 -6.92 -10.55
N GLU A 508 22.89 -6.52 -9.41
CA GLU A 508 24.21 -7.07 -9.03
C GLU A 508 23.99 -8.49 -8.50
N PRO A 509 25.09 -9.27 -8.37
CA PRO A 509 25.09 -10.48 -7.54
C PRO A 509 24.53 -10.19 -6.14
N MET A 510 23.59 -11.03 -5.70
CA MET A 510 22.92 -10.88 -4.41
C MET A 510 23.97 -10.66 -3.34
N LYS A 511 23.69 -9.76 -2.41
CA LYS A 511 24.60 -9.46 -1.34
C LYS A 511 23.74 -9.41 -0.08
N VAL A 512 24.25 -9.95 1.00
CA VAL A 512 23.53 -9.99 2.25
C VAL A 512 24.13 -8.93 3.15
N HIS A 513 23.33 -8.16 3.86
CA HIS A 513 23.86 -7.30 4.94
C HIS A 513 23.04 -7.50 6.19
N GLN A 514 23.31 -6.70 7.21
CA GLN A 514 22.58 -6.78 8.43
C GLN A 514 22.19 -5.37 8.98
N ARG A 515 21.18 -5.32 9.84
CA ARG A 515 20.77 -4.14 10.56
C ARG A 515 20.52 -2.88 9.65
N LEU A 516 19.50 -3.04 8.78
CA LEU A 516 19.02 -2.06 7.82
C LEU A 516 18.66 -0.78 8.55
N ARG A 517 19.46 0.25 8.23
CA ARG A 517 19.37 1.62 8.75
C ARG A 517 19.27 1.75 10.22
N VAL A 518 20.04 0.91 10.89
CA VAL A 518 19.83 0.82 12.33
C VAL A 518 20.23 2.12 13.06
N GLN A 519 21.28 2.82 12.63
CA GLN A 519 21.65 4.13 13.28
C GLN A 519 20.49 5.11 13.30
N MET A 520 19.87 5.34 12.15
CA MET A 520 18.79 6.27 12.01
C MET A 520 17.57 5.73 12.70
N CYS A 521 17.33 4.42 12.64
CA CYS A 521 16.09 3.88 13.21
C CYS A 521 16.11 3.85 14.72
N VAL A 522 17.28 3.74 15.34
CA VAL A 522 17.31 3.96 16.78
C VAL A 522 16.90 5.39 17.12
N PHE A 523 17.21 6.34 16.23
CA PHE A 523 16.80 7.72 16.44
C PHE A 523 15.32 7.87 16.26
N TRP A 524 14.79 7.39 15.16
CA TRP A 524 13.36 7.53 15.00
C TRP A 524 12.51 6.64 15.89
N ASN A 525 12.98 5.49 16.31
CA ASN A 525 12.10 4.58 17.09
C ASN A 525 12.31 4.65 18.55
N GLN A 526 13.52 4.96 19.01
CA GLN A 526 13.76 5.14 20.44
C GLN A 526 13.97 6.57 20.89
N PHE A 527 14.98 7.26 20.35
CA PHE A 527 15.35 8.55 20.93
C PHE A 527 14.29 9.61 20.72
N LEU A 528 13.92 9.85 19.47
CA LEU A 528 13.07 10.97 19.18
C LEU A 528 11.73 10.92 19.89
N PRO A 529 11.09 9.73 19.94
CA PRO A 529 9.82 9.62 20.70
C PRO A 529 9.99 9.92 22.15
N LYS A 530 11.07 9.41 22.77
CA LYS A 530 11.38 9.78 24.14
C LYS A 530 11.52 11.30 24.29
N LEU A 531 12.25 11.92 23.38
CA LEU A 531 12.49 13.33 23.44
C LEU A 531 11.20 14.10 23.48
N LEU A 532 10.27 13.76 22.61
CA LEU A 532 8.97 14.43 22.57
C LEU A 532 8.05 14.12 23.76
N ASN A 533 8.19 12.97 24.41
CA ASN A 533 7.38 12.65 25.62
C ASN A 533 7.83 13.52 26.77
N ALA A 534 9.14 13.61 27.01
CA ALA A 534 9.66 14.41 28.12
C ALA A 534 9.26 15.90 28.01
N THR A 535 9.45 16.47 26.82
CA THR A 535 9.02 17.82 26.46
C THR A 535 7.64 17.75 25.78
C1 NAG B . -19.66 -8.13 -22.66
C2 NAG B . -20.08 -8.61 -24.06
C3 NAG B . -19.12 -8.22 -25.21
C4 NAG B . -18.60 -6.81 -25.13
C5 NAG B . -18.19 -6.55 -23.68
C6 NAG B . -17.66 -5.13 -23.51
C7 NAG B . -21.20 -10.74 -23.56
C8 NAG B . -21.01 -12.25 -23.49
N2 NAG B . -20.13 -10.05 -23.94
O3 NAG B . -19.62 -8.24 -26.54
O4 NAG B . -17.57 -6.75 -26.11
O5 NAG B . -19.29 -6.77 -22.80
O6 NAG B . -18.60 -4.32 -22.82
O7 NAG B . -22.29 -10.19 -23.29
C1 FUC B . -18.57 -2.99 -23.37
C2 FUC B . -19.38 -2.96 -24.66
C3 FUC B . -20.86 -3.16 -24.38
C4 FUC B . -21.33 -2.24 -23.26
C5 FUC B . -20.41 -2.32 -22.06
C6 FUC B . -20.84 -1.36 -20.96
O2 FUC B . -18.91 -3.98 -25.55
O3 FUC B . -21.61 -2.89 -25.57
O4 FUC B . -21.38 -0.89 -23.73
O5 FUC B . -19.07 -2.03 -22.46
C1 NAG C . 7.63 -22.54 11.93
C2 NAG C . 9.04 -22.66 12.44
C3 NAG C . 9.49 -24.10 12.39
C4 NAG C . 8.51 -24.98 13.19
C5 NAG C . 7.03 -24.79 12.79
C6 NAG C . 6.02 -25.37 13.83
C7 NAG C . 10.40 -20.59 12.18
C8 NAG C . 11.40 -19.87 11.32
N2 NAG C . 10.00 -21.79 11.75
O3 NAG C . 10.78 -24.12 12.98
O4 NAG C . 8.92 -26.32 13.01
O5 NAG C . 6.77 -23.40 12.67
O6 NAG C . 4.75 -24.72 14.01
O7 NAG C . 10.01 -20.02 13.19
C1 NAG C . 9.37 -26.95 14.21
C2 NAG C . 9.01 -28.42 14.10
C3 NAG C . 9.42 -29.19 15.35
C4 NAG C . 10.87 -28.92 15.73
C5 NAG C . 11.24 -27.45 15.59
C6 NAG C . 12.75 -27.26 15.70
C7 NAG C . 7.16 -28.95 12.64
C8 NAG C . 5.68 -29.09 12.48
N2 NAG C . 7.59 -28.58 13.84
O3 NAG C . 9.25 -30.60 15.11
O4 NAG C . 11.00 -29.25 17.12
O5 NAG C . 10.79 -26.88 14.36
O6 NAG C . 13.13 -27.22 17.08
O7 NAG C . 7.94 -29.17 11.73
C1 BMA C . 11.67 -30.51 17.37
C2 BMA C . 11.75 -30.79 18.88
C3 BMA C . 12.52 -32.10 19.09
C4 BMA C . 11.80 -33.24 18.38
C5 BMA C . 11.85 -32.89 16.88
C6 BMA C . 11.41 -34.03 15.94
O2 BMA C . 10.44 -30.82 19.46
O3 BMA C . 12.77 -32.39 20.49
O4 BMA C . 12.40 -34.52 18.66
O5 BMA C . 11.09 -31.68 16.71
O6 BMA C . 10.04 -34.42 16.14
C1 MAN C . 14.12 -32.90 20.69
C2 MAN C . 14.34 -33.16 22.18
C3 MAN C . 14.36 -31.79 22.90
C4 MAN C . 15.43 -30.86 22.29
C5 MAN C . 15.30 -30.77 20.76
C6 MAN C . 16.52 -30.09 20.14
O2 MAN C . 15.52 -33.91 22.39
O3 MAN C . 14.53 -31.95 24.29
O4 MAN C . 15.34 -29.58 22.85
O5 MAN C . 15.17 -32.06 20.18
O6 MAN C . 16.10 -29.47 18.94
C1 NAG D . 10.76 3.05 -26.01
C2 NAG D . 9.61 4.00 -25.71
C3 NAG D . 9.20 4.81 -26.92
C4 NAG D . 10.39 5.51 -27.58
C5 NAG D . 11.52 4.48 -27.84
C6 NAG D . 12.81 5.03 -28.48
C7 NAG D . 7.83 3.58 -24.11
C8 NAG D . 6.57 2.84 -23.78
N2 NAG D . 8.41 3.33 -25.27
O3 NAG D . 8.24 5.74 -26.48
O4 NAG D . 9.96 6.12 -28.81
O5 NAG D . 11.81 3.79 -26.63
O6 NAG D . 13.64 5.80 -27.61
O7 NAG D . 8.28 4.39 -23.30
C1 NAG D . 9.74 7.57 -28.75
C2 NAG D . 10.04 8.21 -30.12
C3 NAG D . 9.63 9.69 -30.12
C4 NAG D . 8.17 9.90 -29.73
C5 NAG D . 7.89 9.15 -28.40
C6 NAG D . 6.39 8.96 -28.16
C7 NAG D . 11.96 7.31 -31.43
C8 NAG D . 13.43 7.38 -31.76
N2 NAG D . 11.45 8.17 -30.53
O3 NAG D . 9.90 10.23 -31.41
O4 NAG D . 7.91 11.31 -29.62
O5 NAG D . 8.42 7.83 -28.34
O6 NAG D . 5.99 9.88 -27.19
O7 NAG D . 11.22 6.48 -31.98
C1 BMA D . 7.02 11.95 -30.59
C2 BMA D . 6.71 13.33 -30.01
C3 BMA D . 5.85 14.19 -30.95
C4 BMA D . 6.37 14.21 -32.40
C5 BMA D . 6.71 12.79 -32.93
C6 BMA D . 7.34 12.71 -34.37
O2 BMA D . 7.95 13.98 -29.72
O3 BMA D . 5.67 15.54 -30.45
O4 BMA D . 5.35 14.89 -33.17
O5 BMA D . 7.52 12.08 -31.95
O6 BMA D . 8.65 13.33 -34.52
C1 MAN D . 4.28 15.74 -30.12
C2 MAN D . 3.90 17.20 -30.36
C3 MAN D . 4.62 18.11 -29.37
C4 MAN D . 4.45 17.61 -27.94
C5 MAN D . 4.79 16.12 -27.85
C6 MAN D . 4.55 15.59 -26.44
O2 MAN D . 2.49 17.35 -30.22
O3 MAN D . 4.08 19.43 -29.47
O4 MAN D . 5.31 18.34 -27.06
O5 MAN D . 3.98 15.39 -28.77
O6 MAN D . 5.38 14.45 -26.21
CAT 9A5 E . 3.13 4.82 -5.04
CAP 9A5 E . 1.78 4.46 -4.45
CAQ 9A5 E . 0.64 4.73 -5.39
CAU 9A5 E . 0.62 6.26 -5.67
CBE 9A5 E . 1.88 6.78 -6.03
CBD 9A5 E . 3.06 6.10 -5.75
NAW 9A5 E . 4.22 6.64 -6.15
CBG 9A5 E . 4.29 7.79 -6.82
CAK 9A5 E . 5.53 8.29 -7.20
CBB 9A5 E . 5.63 9.49 -7.90
CL 9A5 E . 7.11 10.01 -8.33
CAF 9A5 E . 4.51 10.19 -8.24
CAI 9A5 E . 3.27 9.68 -7.86
CBJ 9A5 E . 3.16 8.49 -7.15
CBF 9A5 E . 1.95 7.97 -6.74
NAY 9A5 E . 0.81 8.64 -7.05
CAS 9A5 E . 0.13 9.49 -6.06
CAO 9A5 E . -0.04 10.90 -6.66
CAM 9A5 E . -0.89 11.68 -5.62
CAL 9A5 E . -0.38 13.14 -5.39
CAN 9A5 E . 0.00 13.28 -3.88
CAR 9A5 E . 0.64 14.61 -3.48
NAX 9A5 E . -0.40 15.64 -3.47
C 9A5 E . -0.22 16.85 -2.86
O 9A5 E . 0.81 17.17 -2.28
CA 9A5 E . -1.49 17.76 -2.97
N 9A5 E . -2.66 16.88 -2.72
CB 9A5 E . -1.43 19.01 -2.07
CG 9A5 E . -2.86 19.65 -1.78
CD2 9A5 E . -3.94 19.84 -2.61
CE3 9A5 E . -4.21 19.53 -3.91
CZ3 9A5 E . -5.46 19.85 -4.51
CH2 9A5 E . -6.45 20.48 -3.74
CZ2 9A5 E . -6.13 20.78 -2.40
CE2 9A5 E . -4.91 20.46 -1.87
NE1 9A5 E . -4.41 20.66 -0.64
CD1 9A5 E . -3.17 20.16 -0.58
#